data_9GQ3
#
_entry.id   9GQ3
#
_cell.length_a   48.806
_cell.length_b   48.806
_cell.length_c   194.627
_cell.angle_alpha   90
_cell.angle_beta   90
_cell.angle_gamma   120
#
_symmetry.space_group_name_H-M   'P 32 2 1'
#
loop_
_entity.id
_entity.type
_entity.pdbx_description
1 polymer 'Peptidyl-prolyl cis-trans isomerase FKBP5'
2 non-polymer (2~{S},9~{S},13~{E})-2-cyclohexyl-22,25-dimethoxy-11,16,20-trioxa-4-azatricyclo[19.2.2.0^{4,9}]pentacosa-1(24),13,21(25),22-tetraene-3,10-dione
3 water water
#
_entity_poly.entity_id   1
_entity_poly.type   'polypeptide(L)'
_entity_poly.pdbx_seq_one_letter_code
;GAPATVTEQGEDITSKKDRGVLKIVKRVGNGEETPMIGDKVYVHYKGKLSNGKKFDSSHDRNEPFVFSLGKGQVIKAWDI
GVATMKKGEIAHLLIKPEYAYGSAGSLPKIPSNATLFFEIELLDFKGE
;
_entity_poly.pdbx_strand_id   B,A
#
loop_
_chem_comp.id
_chem_comp.type
_chem_comp.name
_chem_comp.formula
A1IN1 non-polymer (2~{S},9~{S},13~{E})-2-cyclohexyl-22,25-dimethoxy-11,16,20-trioxa-4-azatricyclo[19.2.2.0^{4,9}]pentacosa-1(24),13,21(25),22-tetraene-3,10-dione 'C29 H41 N O7'
#
# COMPACT_ATOMS: atom_id res chain seq x y z
N GLY A 1 20.45 10.54 -21.55
CA GLY A 1 19.43 11.57 -21.75
C GLY A 1 18.62 11.77 -20.48
N ALA A 2 17.33 11.47 -20.58
CA ALA A 2 16.34 12.05 -19.69
C ALA A 2 16.67 11.78 -18.21
N PRO A 3 17.10 10.53 -17.87
CA PRO A 3 17.51 10.19 -16.51
C PRO A 3 18.73 10.94 -16.03
N ALA A 4 19.67 11.10 -16.97
CA ALA A 4 20.95 11.72 -16.70
C ALA A 4 20.79 13.19 -16.35
N THR A 5 20.01 13.90 -17.16
CA THR A 5 19.58 15.29 -16.91
C THR A 5 18.92 15.38 -15.52
N VAL A 6 18.22 14.33 -15.08
CA VAL A 6 17.52 14.40 -13.79
C VAL A 6 18.52 14.30 -12.64
N THR A 7 19.47 13.36 -12.72
CA THR A 7 20.67 13.35 -11.86
C THR A 7 21.34 14.74 -11.87
N GLU A 8 21.47 15.38 -13.04
CA GLU A 8 22.23 16.62 -13.16
C GLU A 8 21.30 17.81 -12.88
N GLN A 9 21.67 18.63 -11.91
CA GLN A 9 20.78 19.65 -11.36
C GLN A 9 19.35 19.10 -11.08
N GLY A 10 19.26 17.86 -10.53
CA GLY A 10 17.98 17.25 -10.21
C GLY A 10 17.48 17.72 -8.85
N GLU A 11 16.23 18.23 -8.74
CA GLU A 11 15.71 18.72 -7.46
C GLU A 11 15.37 17.54 -6.53
N ASP A 12 16.00 17.54 -5.33
CA ASP A 12 15.81 16.49 -4.34
C ASP A 12 14.55 16.81 -3.57
N ILE A 13 13.50 15.97 -3.70
CA ILE A 13 12.22 16.27 -3.08
C ILE A 13 11.92 15.40 -1.85
N THR A 14 12.86 14.58 -1.39
CA THR A 14 12.72 13.88 -0.13
C THR A 14 12.87 14.84 1.05
N SER A 15 12.30 14.40 2.17
CA SER A 15 12.34 15.16 3.41
C SER A 15 13.72 14.99 4.04
N LYS A 16 14.23 13.74 3.96
CA LYS A 16 15.51 13.36 4.53
C LYS A 16 16.67 13.93 3.69
N LYS A 17 16.38 14.50 2.49
CA LYS A 17 17.41 15.01 1.58
C LYS A 17 18.49 13.93 1.33
N ASP A 18 18.06 12.73 0.89
CA ASP A 18 18.98 11.62 0.64
C ASP A 18 19.02 11.31 -0.84
N ARG A 19 18.52 12.24 -1.66
CA ARG A 19 18.55 12.12 -3.10
C ARG A 19 17.81 10.88 -3.59
N GLY A 20 16.89 10.35 -2.74
CA GLY A 20 16.14 9.14 -3.08
C GLY A 20 15.10 9.34 -4.18
N VAL A 21 14.63 10.58 -4.34
CA VAL A 21 13.65 10.95 -5.35
C VAL A 21 14.12 12.30 -5.91
N LEU A 22 14.58 12.35 -7.15
CA LEU A 22 14.94 13.60 -7.83
C LEU A 22 13.97 13.94 -8.94
N LYS A 23 13.71 15.27 -9.14
CA LYS A 23 12.65 15.71 -10.02
C LYS A 23 13.09 16.81 -10.96
N ILE A 24 12.67 16.73 -12.26
CA ILE A 24 12.56 17.93 -13.10
C ILE A 24 11.15 18.04 -13.67
N VAL A 25 10.65 19.28 -13.65
CA VAL A 25 9.46 19.69 -14.37
C VAL A 25 9.86 19.90 -15.84
N LYS A 26 9.15 19.25 -16.76
CA LYS A 26 9.50 19.38 -18.16
C LYS A 26 8.48 20.23 -18.90
N ARG A 27 7.20 20.20 -18.50
CA ARG A 27 6.13 21.04 -19.02
C ARG A 27 5.33 21.53 -17.82
N VAL A 28 5.12 22.84 -17.71
CA VAL A 28 4.62 23.45 -16.49
C VAL A 28 3.11 23.35 -16.51
N GLY A 29 2.55 23.08 -15.31
CA GLY A 29 1.12 23.05 -15.06
C GLY A 29 0.54 24.42 -14.66
N ASN A 30 -0.76 24.41 -14.36
CA ASN A 30 -1.57 25.60 -14.12
C ASN A 30 -2.30 25.44 -12.77
N GLY A 31 -2.76 26.55 -12.19
CA GLY A 31 -3.32 26.53 -10.86
C GLY A 31 -2.21 26.43 -9.83
N GLU A 32 -2.45 26.97 -8.63
CA GLU A 32 -1.44 26.95 -7.58
C GLU A 32 -1.51 25.60 -6.82
N GLU A 33 -2.62 24.87 -6.99
CA GLU A 33 -3.01 23.80 -6.08
C GLU A 33 -2.36 22.48 -6.51
N THR A 34 -1.53 21.93 -5.60
CA THR A 34 -1.03 20.57 -5.76
C THR A 34 -1.98 19.66 -5.01
N PRO A 35 -1.97 18.34 -5.22
CA PRO A 35 -2.88 17.46 -4.50
C PRO A 35 -2.50 17.26 -3.03
N MET A 36 -3.52 17.28 -2.15
CA MET A 36 -3.38 16.91 -0.75
C MET A 36 -3.53 15.38 -0.65
N ILE A 37 -2.98 14.79 0.41
CA ILE A 37 -3.19 13.38 0.69
C ILE A 37 -4.70 13.04 0.59
N GLY A 38 -5.03 11.90 -0.01
CA GLY A 38 -6.39 11.43 -0.12
C GLY A 38 -7.02 11.69 -1.48
N ASP A 39 -6.55 12.73 -2.19
CA ASP A 39 -7.12 13.11 -3.48
C ASP A 39 -7.11 11.92 -4.45
N LYS A 40 -8.19 11.76 -5.25
CA LYS A 40 -8.26 10.83 -6.38
C LYS A 40 -7.55 11.47 -7.59
N VAL A 41 -6.43 10.88 -8.03
CA VAL A 41 -5.50 11.48 -8.98
C VAL A 41 -5.43 10.68 -10.29
N TYR A 42 -5.43 11.40 -11.41
CA TYR A 42 -5.44 10.82 -12.75
C TYR A 42 -4.16 11.23 -13.50
N VAL A 43 -3.37 10.23 -13.95
CA VAL A 43 -2.09 10.52 -14.60
C VAL A 43 -1.95 9.68 -15.87
N HIS A 44 -1.05 10.13 -16.77
CA HIS A 44 -0.38 9.27 -17.74
C HIS A 44 1.10 9.23 -17.37
N TYR A 45 1.69 8.05 -17.52
CA TYR A 45 3.11 7.91 -17.26
C TYR A 45 3.78 6.97 -18.26
N LYS A 46 5.10 7.14 -18.33
CA LYS A 46 6.01 6.19 -18.93
C LYS A 46 7.05 5.86 -17.86
N GLY A 47 7.38 4.59 -17.72
CA GLY A 47 8.31 4.18 -16.69
C GLY A 47 9.31 3.19 -17.25
N LYS A 48 10.48 3.11 -16.61
CA LYS A 48 11.46 2.10 -16.95
C LYS A 48 12.41 1.86 -15.78
N LEU A 49 13.02 0.71 -15.79
CA LEU A 49 14.13 0.37 -14.93
C LEU A 49 15.35 1.07 -15.53
N SER A 50 16.29 1.53 -14.70
CA SER A 50 17.54 2.08 -15.26
C SER A 50 18.40 1.00 -15.90
N ASN A 51 18.19 -0.28 -15.56
CA ASN A 51 18.91 -1.36 -16.23
C ASN A 51 18.47 -1.50 -17.69
N GLY A 52 17.37 -0.82 -18.11
CA GLY A 52 16.96 -0.71 -19.52
C GLY A 52 16.17 -1.91 -20.08
N LYS A 53 15.68 -2.81 -19.20
CA LYS A 53 15.24 -4.13 -19.60
C LYS A 53 13.70 -4.17 -19.63
N LYS A 54 13.01 -3.23 -18.94
CA LYS A 54 11.55 -3.17 -18.87
C LYS A 54 11.08 -1.71 -18.98
N PHE A 55 9.96 -1.51 -19.69
CA PHE A 55 9.34 -0.23 -19.95
C PHE A 55 7.82 -0.37 -19.89
N ASP A 56 7.15 0.56 -19.25
CA ASP A 56 5.73 0.43 -18.98
C ASP A 56 5.07 1.77 -19.23
N SER A 57 3.93 1.77 -19.92
CA SER A 57 3.25 3.02 -20.20
C SER A 57 1.78 2.87 -19.91
N SER A 58 1.15 3.91 -19.37
CA SER A 58 -0.29 3.95 -19.23
C SER A 58 -0.95 3.78 -20.61
N HIS A 59 -0.36 4.35 -21.66
CA HIS A 59 -0.77 4.13 -23.05
C HIS A 59 -0.77 2.68 -23.52
N ASP A 60 0.11 1.81 -22.98
CA ASP A 60 0.09 0.37 -23.28
C ASP A 60 -1.31 -0.20 -22.99
N ARG A 61 -2.06 0.42 -22.07
CA ARG A 61 -3.51 0.27 -21.99
C ARG A 61 -4.14 1.49 -22.69
N ASN A 62 -5.47 1.64 -22.61
CA ASN A 62 -6.13 2.74 -23.30
C ASN A 62 -6.85 3.61 -22.26
N GLU A 63 -6.26 3.81 -21.06
CA GLU A 63 -6.91 4.51 -19.98
C GLU A 63 -5.88 5.27 -19.14
N PRO A 64 -6.24 6.41 -18.48
CA PRO A 64 -5.36 6.98 -17.47
C PRO A 64 -5.08 5.99 -16.34
N PHE A 65 -3.97 6.19 -15.64
CA PHE A 65 -3.75 5.54 -14.36
C PHE A 65 -4.36 6.40 -13.25
N VAL A 66 -5.17 5.76 -12.41
CA VAL A 66 -5.88 6.43 -11.34
C VAL A 66 -5.45 5.81 -10.02
N PHE A 67 -5.29 6.65 -9.02
CA PHE A 67 -4.89 6.18 -7.70
C PHE A 67 -5.20 7.28 -6.67
N SER A 68 -5.29 6.87 -5.40
CA SER A 68 -5.52 7.79 -4.30
C SER A 68 -4.17 8.14 -3.69
N LEU A 69 -3.87 9.44 -3.69
CA LEU A 69 -2.61 9.98 -3.25
C LEU A 69 -2.47 9.77 -1.74
N GLY A 70 -1.28 9.29 -1.37
CA GLY A 70 -0.91 9.04 0.02
C GLY A 70 -1.58 7.82 0.64
N LYS A 71 -2.28 7.00 -0.17
CA LYS A 71 -3.04 5.87 0.37
C LYS A 71 -2.33 4.57 -0.02
N GLY A 72 -1.01 4.60 -0.21
CA GLY A 72 -0.16 3.42 -0.42
C GLY A 72 -0.60 2.48 -1.55
N GLN A 73 -1.15 3.02 -2.65
CA GLN A 73 -1.50 2.23 -3.82
C GLN A 73 -0.32 2.25 -4.78
N VAL A 74 0.61 3.19 -4.55
CA VAL A 74 1.80 3.32 -5.37
C VAL A 74 3.03 3.36 -4.46
N ILE A 75 4.21 3.30 -5.09
CA ILE A 75 5.48 3.44 -4.41
C ILE A 75 5.59 4.83 -3.76
N LYS A 76 6.37 4.87 -2.65
CA LYS A 76 6.51 6.08 -1.83
C LYS A 76 6.95 7.23 -2.71
N ALA A 77 7.80 6.96 -3.70
CA ALA A 77 8.28 8.02 -4.57
C ALA A 77 7.14 8.69 -5.33
N TRP A 78 6.09 7.92 -5.67
CA TRP A 78 4.96 8.52 -6.38
C TRP A 78 4.14 9.41 -5.46
N ASP A 79 3.92 8.96 -4.24
CA ASP A 79 3.14 9.75 -3.32
C ASP A 79 3.85 11.08 -3.05
N ILE A 80 5.18 11.04 -2.86
CA ILE A 80 5.98 12.23 -2.63
C ILE A 80 5.97 13.07 -3.91
N GLY A 81 6.21 12.43 -5.04
CA GLY A 81 6.47 13.18 -6.27
C GLY A 81 5.22 13.87 -6.84
N VAL A 82 4.14 13.10 -7.00
CA VAL A 82 2.91 13.63 -7.55
C VAL A 82 2.28 14.65 -6.59
N ALA A 83 2.55 14.61 -5.29
CA ALA A 83 2.08 15.68 -4.41
C ALA A 83 2.73 17.02 -4.75
N THR A 84 3.88 17.02 -5.41
CA THR A 84 4.51 18.26 -5.85
C THR A 84 4.02 18.76 -7.22
N MET A 85 3.08 18.12 -7.89
CA MET A 85 2.79 18.47 -9.27
C MET A 85 1.53 19.34 -9.39
N LYS A 86 1.48 20.19 -10.44
CA LYS A 86 0.30 20.98 -10.70
C LYS A 86 -0.45 20.30 -11.85
N LYS A 87 -1.76 20.63 -11.98
CA LYS A 87 -2.61 20.11 -13.05
C LYS A 87 -1.92 20.44 -14.38
N GLY A 88 -1.76 19.44 -15.25
CA GLY A 88 -1.19 19.70 -16.56
C GLY A 88 0.34 19.68 -16.57
N GLU A 89 0.98 19.48 -15.40
CA GLU A 89 2.44 19.33 -15.32
C GLU A 89 2.88 17.97 -15.91
N ILE A 90 4.04 18.01 -16.60
CA ILE A 90 4.81 16.83 -16.93
C ILE A 90 6.13 16.97 -16.19
N ALA A 91 6.50 15.90 -15.47
CA ALA A 91 7.73 15.88 -14.69
C ALA A 91 8.44 14.56 -14.93
N HIS A 92 9.76 14.56 -14.70
CA HIS A 92 10.60 13.38 -14.71
C HIS A 92 11.11 13.10 -13.31
N LEU A 93 11.08 11.83 -12.88
CA LEU A 93 11.51 11.44 -11.55
C LEU A 93 12.49 10.31 -11.69
N LEU A 94 13.54 10.36 -10.88
CA LEU A 94 14.57 9.33 -10.81
C LEU A 94 14.64 8.86 -9.35
N ILE A 95 14.52 7.55 -9.15
CA ILE A 95 14.11 7.01 -7.87
C ILE A 95 15.05 5.87 -7.46
N LYS A 96 15.63 6.01 -6.26
CA LYS A 96 16.43 5.00 -5.63
C LYS A 96 15.54 3.89 -5.06
N PRO A 97 16.05 2.63 -4.86
CA PRO A 97 15.25 1.49 -4.41
C PRO A 97 14.45 1.69 -3.12
N GLU A 98 15.00 2.48 -2.22
CA GLU A 98 14.39 2.74 -0.94
C GLU A 98 12.99 3.34 -1.10
N TYR A 99 12.76 4.15 -2.13
CA TYR A 99 11.47 4.81 -2.37
C TYR A 99 10.67 4.04 -3.44
N ALA A 100 11.13 2.85 -3.82
CA ALA A 100 10.42 2.07 -4.85
C ALA A 100 10.14 0.67 -4.30
N TYR A 101 10.92 -0.35 -4.70
CA TYR A 101 10.68 -1.74 -4.32
C TYR A 101 11.78 -2.34 -3.47
N GLY A 102 12.78 -1.53 -3.09
CA GLY A 102 13.67 -1.93 -2.00
C GLY A 102 14.53 -3.11 -2.38
N SER A 103 15.06 -3.81 -1.35
CA SER A 103 15.97 -4.91 -1.62
C SER A 103 15.24 -6.13 -2.15
N ALA A 104 13.97 -6.30 -1.73
CA ALA A 104 13.17 -7.46 -2.11
C ALA A 104 12.79 -7.39 -3.58
N GLY A 105 12.63 -6.17 -4.06
CA GLY A 105 12.16 -5.97 -5.40
C GLY A 105 10.74 -6.51 -5.52
N SER A 106 10.33 -6.82 -6.77
CA SER A 106 9.01 -7.31 -7.08
C SER A 106 9.14 -8.23 -8.30
N LEU A 107 9.73 -9.39 -8.07
CA LEU A 107 10.14 -10.28 -9.12
C LEU A 107 8.99 -10.91 -9.90
N PRO A 108 9.18 -11.20 -11.20
CA PRO A 108 10.44 -10.93 -11.89
C PRO A 108 10.53 -9.55 -12.56
N LYS A 109 9.45 -8.76 -12.48
CA LYS A 109 9.29 -7.48 -13.16
C LYS A 109 10.35 -6.47 -12.68
N ILE A 110 10.52 -6.36 -11.35
CA ILE A 110 11.44 -5.41 -10.73
C ILE A 110 12.49 -6.18 -9.97
N PRO A 111 13.77 -6.09 -10.34
CA PRO A 111 14.82 -6.76 -9.61
C PRO A 111 15.05 -6.16 -8.22
N SER A 112 15.77 -6.94 -7.41
CA SER A 112 16.37 -6.45 -6.20
C SER A 112 17.13 -5.15 -6.46
N ASN A 113 16.96 -4.17 -5.55
CA ASN A 113 17.76 -2.95 -5.46
C ASN A 113 17.69 -2.13 -6.76
N ALA A 114 16.51 -2.04 -7.38
CA ALA A 114 16.40 -1.34 -8.66
C ALA A 114 16.21 0.17 -8.50
N THR A 115 16.82 0.94 -9.41
CA THR A 115 16.51 2.34 -9.61
C THR A 115 15.51 2.45 -10.74
N LEU A 116 14.55 3.37 -10.64
CA LEU A 116 13.46 3.50 -11.61
C LEU A 116 13.44 4.92 -12.14
N PHE A 117 12.91 5.08 -13.35
CA PHE A 117 12.71 6.38 -13.94
C PHE A 117 11.30 6.43 -14.46
N PHE A 118 10.65 7.58 -14.27
CA PHE A 118 9.31 7.85 -14.76
C PHE A 118 9.20 9.23 -15.37
N GLU A 119 8.38 9.31 -16.42
CA GLU A 119 7.81 10.58 -16.86
C GLU A 119 6.33 10.52 -16.50
N ILE A 120 5.84 11.55 -15.81
CA ILE A 120 4.46 11.59 -15.33
C ILE A 120 3.81 12.84 -15.85
N GLU A 121 2.59 12.67 -16.38
CA GLU A 121 1.72 13.81 -16.71
C GLU A 121 0.56 13.81 -15.72
N LEU A 122 0.43 14.91 -14.94
CA LEU A 122 -0.69 15.05 -14.03
C LEU A 122 -1.88 15.68 -14.76
N LEU A 123 -2.92 14.86 -15.00
CA LEU A 123 -4.07 15.26 -15.80
C LEU A 123 -5.04 16.06 -14.92
N ASP A 124 -5.51 15.42 -13.83
CA ASP A 124 -6.48 16.04 -12.92
C ASP A 124 -6.43 15.37 -11.55
N PHE A 125 -7.04 16.02 -10.54
CA PHE A 125 -7.22 15.44 -9.22
C PHE A 125 -8.43 16.08 -8.54
N LYS A 126 -9.28 15.24 -7.94
CA LYS A 126 -10.47 15.67 -7.21
C LYS A 126 -10.39 15.14 -5.78
N GLY A 127 -11.29 15.59 -4.90
CA GLY A 127 -11.11 15.43 -3.47
C GLY A 127 -11.30 13.98 -3.01
N GLU A 128 -12.35 13.34 -3.52
CA GLU A 128 -13.03 12.31 -2.74
C GLU A 128 -14.11 13.03 -1.91
N THR B 5 -1.07 -30.84 7.96
CA THR B 5 -1.69 -29.54 7.58
C THR B 5 -1.06 -28.96 6.30
N VAL B 6 -1.90 -28.31 5.47
CA VAL B 6 -1.50 -27.63 4.23
C VAL B 6 -1.59 -26.12 4.47
N THR B 7 -0.71 -25.36 3.80
CA THR B 7 -0.61 -23.90 3.89
C THR B 7 -1.96 -23.22 3.57
N GLU B 8 -2.61 -23.64 2.49
CA GLU B 8 -3.81 -22.97 1.99
C GLU B 8 -5.03 -23.58 2.70
N GLN B 9 -4.92 -23.66 4.02
CA GLN B 9 -6.02 -24.16 4.86
C GLN B 9 -6.77 -23.02 5.57
N GLY B 10 -8.04 -23.34 5.94
CA GLY B 10 -8.94 -22.38 6.53
C GLY B 10 -10.08 -21.95 5.59
N GLU B 11 -11.03 -21.22 6.17
CA GLU B 11 -12.24 -20.78 5.50
C GLU B 11 -11.94 -19.52 4.68
N ASP B 12 -12.38 -19.56 3.42
CA ASP B 12 -12.28 -18.45 2.53
C ASP B 12 -13.42 -17.48 2.84
N ILE B 13 -13.09 -16.29 3.34
CA ILE B 13 -14.08 -15.33 3.79
C ILE B 13 -14.12 -14.12 2.85
N THR B 14 -13.48 -14.20 1.70
CA THR B 14 -13.65 -13.19 0.64
C THR B 14 -15.00 -13.35 -0.04
N SER B 15 -15.44 -12.24 -0.61
CA SER B 15 -16.70 -12.20 -1.32
C SER B 15 -16.53 -12.88 -2.67
N LYS B 16 -15.37 -12.60 -3.30
CA LYS B 16 -14.98 -13.11 -4.60
C LYS B 16 -14.66 -14.61 -4.57
N LYS B 17 -14.51 -15.18 -3.36
CA LYS B 17 -14.04 -16.55 -3.20
C LYS B 17 -12.75 -16.80 -4.00
N ASP B 18 -11.72 -15.98 -3.79
CA ASP B 18 -10.44 -16.14 -4.48
C ASP B 18 -9.36 -16.60 -3.49
N ARG B 19 -9.80 -17.04 -2.31
CA ARG B 19 -8.93 -17.65 -1.31
C ARG B 19 -7.89 -16.65 -0.83
N GLY B 20 -8.18 -15.36 -0.99
CA GLY B 20 -7.23 -14.31 -0.64
C GLY B 20 -7.13 -14.08 0.87
N VAL B 21 -8.19 -14.45 1.60
CA VAL B 21 -8.26 -14.28 3.05
C VAL B 21 -8.77 -15.60 3.63
N LEU B 22 -7.91 -16.41 4.23
CA LEU B 22 -8.27 -17.65 4.84
C LEU B 22 -8.25 -17.52 6.35
N LYS B 23 -9.30 -18.03 7.01
CA LYS B 23 -9.49 -17.86 8.46
C LYS B 23 -9.59 -19.22 9.18
N ILE B 24 -9.01 -19.28 10.39
CA ILE B 24 -9.27 -20.31 11.36
C ILE B 24 -9.53 -19.67 12.71
N VAL B 25 -10.60 -20.17 13.35
CA VAL B 25 -10.99 -19.83 14.70
C VAL B 25 -10.15 -20.74 15.58
N LYS B 26 -9.44 -20.13 16.54
CA LYS B 26 -8.57 -20.90 17.41
C LYS B 26 -9.15 -21.01 18.82
N ARG B 27 -9.85 -19.95 19.26
CA ARG B 27 -10.58 -19.90 20.51
C ARG B 27 -11.90 -19.24 20.21
N VAL B 28 -13.00 -19.91 20.55
CA VAL B 28 -14.33 -19.45 20.19
C VAL B 28 -14.69 -18.32 21.15
N GLY B 29 -15.40 -17.32 20.62
CA GLY B 29 -15.98 -16.25 21.43
C GLY B 29 -17.41 -16.56 21.88
N ASN B 30 -18.11 -15.53 22.33
CA ASN B 30 -19.44 -15.66 22.93
C ASN B 30 -20.36 -14.62 22.29
N GLY B 31 -21.66 -14.82 22.44
CA GLY B 31 -22.62 -13.90 21.85
C GLY B 31 -22.76 -14.22 20.37
N GLU B 32 -23.95 -13.97 19.82
CA GLU B 32 -24.18 -14.19 18.41
C GLU B 32 -23.85 -12.91 17.64
N GLU B 33 -23.44 -11.83 18.33
CA GLU B 33 -23.19 -10.54 17.69
C GLU B 33 -21.75 -10.46 17.15
N THR B 34 -21.59 -10.32 15.83
CA THR B 34 -20.34 -9.83 15.26
C THR B 34 -20.47 -8.32 15.10
N PRO B 35 -19.36 -7.55 14.91
CA PRO B 35 -19.49 -6.11 14.71
C PRO B 35 -20.09 -5.71 13.36
N MET B 36 -20.93 -4.67 13.40
CA MET B 36 -21.47 -4.01 12.22
C MET B 36 -20.40 -3.03 11.71
N ILE B 37 -20.34 -2.81 10.40
CA ILE B 37 -19.47 -1.75 9.84
C ILE B 37 -19.65 -0.46 10.65
N GLY B 38 -18.54 0.20 10.98
CA GLY B 38 -18.59 1.47 11.68
C GLY B 38 -18.38 1.37 13.20
N ASP B 39 -18.65 0.19 13.79
CA ASP B 39 -18.32 -0.07 15.19
C ASP B 39 -16.86 0.27 15.50
N LYS B 40 -16.60 0.86 16.68
CA LYS B 40 -15.26 1.01 17.25
C LYS B 40 -14.82 -0.32 17.88
N VAL B 41 -13.76 -0.94 17.32
CA VAL B 41 -13.35 -2.31 17.65
C VAL B 41 -11.99 -2.34 18.35
N TYR B 42 -11.89 -3.17 19.40
CA TYR B 42 -10.70 -3.24 20.25
C TYR B 42 -10.11 -4.66 20.18
N VAL B 43 -8.83 -4.78 19.75
CA VAL B 43 -8.22 -6.08 19.56
C VAL B 43 -6.83 -6.13 20.17
N HIS B 44 -6.35 -7.37 20.39
CA HIS B 44 -4.92 -7.68 20.47
C HIS B 44 -4.55 -8.58 19.31
N TYR B 45 -3.35 -8.34 18.77
CA TYR B 45 -2.89 -9.12 17.64
C TYR B 45 -1.40 -9.38 17.71
N LYS B 46 -0.99 -10.46 17.02
CA LYS B 46 0.38 -10.75 16.67
C LYS B 46 0.39 -10.91 15.16
N GLY B 47 1.33 -10.23 14.48
CA GLY B 47 1.33 -10.17 13.04
C GLY B 47 2.73 -10.42 12.50
N LYS B 48 2.83 -10.95 11.28
CA LYS B 48 4.13 -11.27 10.71
C LYS B 48 3.98 -11.45 9.21
N LEU B 49 5.09 -11.25 8.50
CA LEU B 49 5.26 -11.67 7.13
C LEU B 49 5.38 -13.18 7.17
N SER B 50 4.88 -13.90 6.16
CA SER B 50 5.01 -15.36 6.20
C SER B 50 6.47 -15.80 5.99
N ASN B 51 7.29 -14.93 5.37
CA ASN B 51 8.70 -15.23 5.18
C ASN B 51 9.47 -15.18 6.51
N GLY B 52 8.80 -14.74 7.61
CA GLY B 52 9.29 -14.78 8.99
C GLY B 52 10.27 -13.65 9.35
N LYS B 53 10.32 -12.54 8.57
CA LYS B 53 11.46 -11.61 8.67
C LYS B 53 11.10 -10.37 9.51
N LYS B 54 9.79 -10.14 9.76
CA LYS B 54 9.29 -9.02 10.56
C LYS B 54 8.06 -9.52 11.33
N PHE B 55 7.92 -9.00 12.56
CA PHE B 55 6.86 -9.32 13.50
C PHE B 55 6.38 -8.06 14.20
N ASP B 56 5.07 -7.97 14.43
CA ASP B 56 4.48 -6.81 15.06
C ASP B 56 3.41 -7.30 16.01
N SER B 57 3.40 -6.80 17.24
CA SER B 57 2.37 -7.21 18.18
C SER B 57 1.83 -5.96 18.90
N SER B 58 0.55 -6.01 19.26
CA SER B 58 -0.07 -4.96 20.04
C SER B 58 0.65 -4.86 21.40
N HIS B 59 0.99 -6.03 21.97
CA HIS B 59 1.59 -6.16 23.29
C HIS B 59 2.93 -5.44 23.42
N ASP B 60 3.73 -5.45 22.34
CA ASP B 60 4.93 -4.65 22.18
C ASP B 60 4.69 -3.18 22.56
N ARG B 61 3.47 -2.65 22.33
CA ARG B 61 3.11 -1.28 22.64
C ARG B 61 2.18 -1.22 23.86
N ASN B 62 1.99 -2.36 24.56
CA ASN B 62 1.40 -2.42 25.88
C ASN B 62 0.03 -1.71 25.92
N GLU B 63 -0.77 -1.85 24.84
CA GLU B 63 -2.11 -1.25 24.73
C GLU B 63 -2.93 -2.03 23.69
N PRO B 64 -4.27 -2.18 23.85
CA PRO B 64 -5.08 -2.70 22.76
C PRO B 64 -4.96 -1.85 21.49
N PHE B 65 -5.15 -2.48 20.33
CA PHE B 65 -5.25 -1.75 19.08
C PHE B 65 -6.73 -1.48 18.83
N VAL B 66 -7.03 -0.21 18.53
CA VAL B 66 -8.40 0.22 18.25
C VAL B 66 -8.49 0.77 16.83
N PHE B 67 -9.63 0.53 16.18
CA PHE B 67 -9.92 1.04 14.84
C PHE B 67 -11.44 0.94 14.58
N SER B 68 -11.90 1.70 13.59
CA SER B 68 -13.30 1.69 13.18
C SER B 68 -13.46 0.73 12.00
N LEU B 69 -14.35 -0.23 12.17
CA LEU B 69 -14.51 -1.31 11.22
C LEU B 69 -15.11 -0.77 9.92
N GLY B 70 -14.51 -1.18 8.82
CA GLY B 70 -14.96 -0.80 7.49
C GLY B 70 -14.50 0.58 7.05
N LYS B 71 -13.82 1.36 7.90
CA LYS B 71 -13.48 2.72 7.53
C LYS B 71 -12.11 2.76 6.86
N GLY B 72 -11.59 1.61 6.38
CA GLY B 72 -10.32 1.55 5.69
C GLY B 72 -9.11 2.10 6.47
N GLN B 73 -9.10 1.94 7.80
CA GLN B 73 -8.01 2.39 8.66
C GLN B 73 -7.01 1.23 8.85
N VAL B 74 -7.40 0.05 8.40
CA VAL B 74 -6.54 -1.12 8.36
C VAL B 74 -6.64 -1.72 6.95
N ILE B 75 -5.85 -2.75 6.68
CA ILE B 75 -5.91 -3.47 5.41
C ILE B 75 -7.28 -4.15 5.27
N LYS B 76 -7.69 -4.30 3.99
CA LYS B 76 -8.97 -4.91 3.61
C LYS B 76 -9.20 -6.21 4.40
N ALA B 77 -8.18 -7.06 4.53
CA ALA B 77 -8.33 -8.34 5.19
C ALA B 77 -8.76 -8.18 6.62
N TRP B 78 -8.41 -7.07 7.27
CA TRP B 78 -8.84 -6.88 8.65
C TRP B 78 -10.31 -6.46 8.70
N ASP B 79 -10.72 -5.56 7.84
CA ASP B 79 -12.11 -5.14 7.82
C ASP B 79 -13.03 -6.34 7.53
N ILE B 80 -12.61 -7.21 6.60
CA ILE B 80 -13.38 -8.40 6.26
C ILE B 80 -13.34 -9.37 7.44
N GLY B 81 -12.14 -9.57 7.99
CA GLY B 81 -11.89 -10.64 8.92
C GLY B 81 -12.52 -10.39 10.27
N VAL B 82 -12.26 -9.21 10.82
CA VAL B 82 -12.75 -8.84 12.14
C VAL B 82 -14.29 -8.75 12.16
N ALA B 83 -14.90 -8.41 11.01
CA ALA B 83 -16.35 -8.40 10.94
C ALA B 83 -16.93 -9.78 11.20
N THR B 84 -16.15 -10.86 10.98
CA THR B 84 -16.63 -12.21 11.17
C THR B 84 -16.40 -12.71 12.59
N MET B 85 -15.83 -11.93 13.50
CA MET B 85 -15.40 -12.50 14.77
C MET B 85 -16.38 -12.17 15.90
N LYS B 86 -16.40 -13.05 16.90
CA LYS B 86 -17.24 -12.85 18.07
C LYS B 86 -16.37 -12.30 19.21
N LYS B 87 -17.02 -11.66 20.19
CA LYS B 87 -16.31 -11.08 21.30
C LYS B 87 -15.63 -12.23 22.04
N GLY B 88 -14.34 -12.04 22.36
CA GLY B 88 -13.58 -13.09 23.00
C GLY B 88 -12.90 -14.05 22.02
N GLU B 89 -13.25 -14.01 20.72
CA GLU B 89 -12.69 -14.93 19.73
C GLU B 89 -11.21 -14.62 19.44
N ILE B 90 -10.48 -15.71 19.20
CA ILE B 90 -9.14 -15.65 18.67
C ILE B 90 -9.16 -16.39 17.35
N ALA B 91 -8.70 -15.71 16.32
CA ALA B 91 -8.69 -16.24 14.95
C ALA B 91 -7.32 -15.99 14.34
N HIS B 92 -7.01 -16.82 13.34
CA HIS B 92 -5.82 -16.73 12.55
C HIS B 92 -6.22 -16.39 11.13
N LEU B 93 -5.57 -15.39 10.55
CA LEU B 93 -5.83 -14.99 9.18
C LEU B 93 -4.56 -15.15 8.36
N LEU B 94 -4.66 -15.82 7.21
CA LEU B 94 -3.60 -15.83 6.20
C LEU B 94 -4.06 -15.05 4.95
N ILE B 95 -3.24 -14.09 4.58
CA ILE B 95 -3.68 -12.98 3.76
C ILE B 95 -2.75 -12.87 2.54
N LYS B 96 -3.34 -13.00 1.35
CA LYS B 96 -2.66 -12.78 0.08
C LYS B 96 -2.49 -11.25 -0.07
N PRO B 97 -1.46 -10.75 -0.83
CA PRO B 97 -1.19 -9.31 -0.97
C PRO B 97 -2.32 -8.44 -1.50
N GLU B 98 -3.23 -9.02 -2.29
CA GLU B 98 -4.37 -8.29 -2.78
C GLU B 98 -5.26 -7.76 -1.66
N TYR B 99 -5.25 -8.39 -0.48
CA TYR B 99 -6.08 -7.96 0.65
C TYR B 99 -5.20 -7.30 1.70
N ALA B 100 -3.98 -6.91 1.33
CA ALA B 100 -3.04 -6.35 2.28
C ALA B 100 -2.40 -5.13 1.63
N TYR B 101 -1.12 -5.21 1.19
CA TYR B 101 -0.43 -4.05 0.66
C TYR B 101 -0.07 -4.17 -0.83
N GLY B 102 -0.52 -5.22 -1.48
CA GLY B 102 -0.53 -5.26 -2.94
C GLY B 102 0.86 -5.21 -3.56
N SER B 103 0.89 -4.80 -4.81
CA SER B 103 2.14 -4.76 -5.59
C SER B 103 3.13 -3.72 -5.11
N ALA B 104 2.62 -2.58 -4.61
CA ALA B 104 3.49 -1.49 -4.16
C ALA B 104 4.14 -1.84 -2.84
N GLY B 105 3.43 -2.65 -2.04
CA GLY B 105 3.93 -2.92 -0.71
C GLY B 105 3.83 -1.65 0.12
N SER B 106 4.59 -1.64 1.22
CA SER B 106 4.62 -0.52 2.11
C SER B 106 5.99 -0.47 2.78
N LEU B 107 6.99 -0.04 2.02
CA LEU B 107 8.37 -0.03 2.48
C LEU B 107 8.62 0.98 3.62
N PRO B 108 9.56 0.68 4.53
CA PRO B 108 10.39 -0.53 4.45
C PRO B 108 9.81 -1.73 5.20
N LYS B 109 8.66 -1.57 5.83
CA LYS B 109 8.08 -2.59 6.69
C LYS B 109 7.65 -3.81 5.84
N ILE B 110 6.99 -3.58 4.70
CA ILE B 110 6.31 -4.60 3.91
C ILE B 110 6.82 -4.61 2.47
N PRO B 111 7.37 -5.73 1.96
CA PRO B 111 7.78 -5.85 0.57
C PRO B 111 6.61 -5.99 -0.39
N SER B 112 6.90 -5.80 -1.67
CA SER B 112 5.93 -6.01 -2.73
C SER B 112 5.41 -7.44 -2.60
N ASN B 113 4.11 -7.62 -2.83
CA ASN B 113 3.49 -8.93 -2.98
C ASN B 113 3.66 -9.81 -1.74
N ALA B 114 3.67 -9.21 -0.54
CA ALA B 114 3.85 -9.98 0.69
C ALA B 114 2.55 -10.67 1.14
N THR B 115 2.71 -11.91 1.62
CA THR B 115 1.66 -12.64 2.32
C THR B 115 1.84 -12.38 3.81
N LEU B 116 0.74 -12.05 4.52
CA LEU B 116 0.79 -11.71 5.92
C LEU B 116 0.00 -12.74 6.75
N PHE B 117 0.41 -12.92 7.99
CA PHE B 117 -0.30 -13.75 8.92
C PHE B 117 -0.56 -12.94 10.18
N PHE B 118 -1.78 -13.08 10.72
CA PHE B 118 -2.16 -12.49 11.99
C PHE B 118 -2.89 -13.48 12.90
N GLU B 119 -2.63 -13.31 14.18
CA GLU B 119 -3.49 -13.85 15.22
C GLU B 119 -4.17 -12.64 15.85
N ILE B 120 -5.53 -12.65 15.84
CA ILE B 120 -6.31 -11.55 16.36
C ILE B 120 -7.21 -12.07 17.47
N GLU B 121 -7.19 -11.32 18.58
CA GLU B 121 -8.12 -11.53 19.66
C GLU B 121 -9.10 -10.35 19.67
N LEU B 122 -10.39 -10.62 19.44
CA LEU B 122 -11.41 -9.58 19.53
C LEU B 122 -11.89 -9.41 20.98
N LEU B 123 -11.52 -8.28 21.58
CA LEU B 123 -11.75 -8.00 23.01
C LEU B 123 -13.17 -7.49 23.20
N ASP B 124 -13.49 -6.42 22.47
CA ASP B 124 -14.78 -5.74 22.58
C ASP B 124 -15.05 -4.94 21.30
N PHE B 125 -16.32 -4.54 21.12
CA PHE B 125 -16.72 -3.62 20.07
C PHE B 125 -17.97 -2.87 20.50
N LYS B 126 -18.03 -1.55 20.24
CA LYS B 126 -19.18 -0.73 20.59
C LYS B 126 -19.64 0.04 19.35
N GLY B 127 -20.92 0.42 19.31
CA GLY B 127 -21.45 1.25 18.23
C GLY B 127 -20.83 2.65 18.26
N GLU B 128 -20.48 3.21 17.08
CA GLU B 128 -19.81 4.50 16.99
C GLU B 128 -20.51 5.51 17.92
CAK A1IN1 C . 6.92 -1.31 -14.35
CAL A1IN1 C . 8.30 -1.73 -14.65
CAM A1IN1 C . 9.13 -0.43 -15.20
CAN A1IN1 C . 9.07 0.51 -14.05
CAO A1IN1 C . 7.64 0.93 -13.73
CAJ A1IN1 C . 6.88 -0.37 -13.30
CAI A1IN1 C . 5.40 -0.09 -12.74
CAB A1IN1 C . 5.46 0.69 -11.53
OAA A1IN1 C . 6.42 0.59 -10.71
N A1IN1 C . 4.49 1.59 -11.24
CAH A1IN1 C . 3.20 1.69 -11.95
CAG A1IN1 C . 2.62 3.01 -12.11
CAF A1IN1 C . 2.53 3.69 -10.79
CB A1IN1 C . 3.86 3.72 -10.12
CA A1IN1 C . 4.50 2.32 -9.94
C A1IN1 C . 3.85 1.63 -8.88
O A1IN1 C . 3.79 2.06 -7.75
OBE A1IN1 C . 3.31 0.47 -9.23
CBD A1IN1 C . 2.80 -0.41 -8.24
CBC A1IN1 C . 1.86 -1.31 -8.88
CBB A1IN1 C . 0.49 -1.14 -8.86
CBA A1IN1 C . -0.56 -1.93 -9.32
OAZ A1IN1 C . -0.39 -2.72 -10.54
CAY A1IN1 C . 0.55 -3.70 -10.34
CAX A1IN1 C . 0.25 -4.80 -11.29
CAW A1IN1 C . 1.62 -5.53 -11.20
OAV A1IN1 C . 2.65 -4.99 -12.15
CAU A1IN1 C . 3.29 -3.78 -12.31
CAR A1IN1 C . 4.27 -3.42 -11.41
OAS A1IN1 C . 4.40 -4.27 -10.39
CAT A1IN1 C . 5.46 -4.05 -9.45
CAQ A1IN1 C . 4.93 -2.22 -11.53
CAP A1IN1 C . 4.62 -1.33 -12.58
CBK A1IN1 C . 3.67 -1.74 -13.55
CBH A1IN1 C . 3.01 -2.95 -13.41
OBI A1IN1 C . 2.05 -3.45 -14.29
CBJ A1IN1 C . 1.74 -2.67 -15.45
HAK A1IN1 C . 6.33 -2.08 -14.03
HB6 A1IN1 C . 6.69 -0.95 -15.32
HAL A1IN1 C . 8.27 -2.50 -15.42
HB7 A1IN1 C . 8.77 -2.12 -13.77
HAM A1IN1 C . 8.65 0.00 -16.08
HB8 A1IN1 C . 10.16 -0.71 -15.42
HAN A1IN1 C . 9.65 1.39 -14.28
HB9 A1IN1 C . 9.50 0.03 -13.17
HCA A1IN1 C . 7.54 1.53 -12.89
HAO A1IN1 C . 7.09 1.22 -14.58
HAJ A1IN1 C . 7.45 -0.80 -12.47
HAI A1IN1 C . 4.93 0.50 -13.52
HAH A1IN1 C . 2.46 1.08 -11.44
HB5 A1IN1 C . 3.30 1.29 -12.96
HAG A1IN1 C . 1.65 2.99 -12.48
HB4 A1IN1 C . 3.24 3.67 -12.62
HAF A1IN1 C . 1.92 3.21 -10.05
HB3 A1IN1 C . 2.34 4.71 -10.86
HB2 A1IN1 C . 4.58 4.17 -10.74
HB1 A1IN1 C . 3.87 4.09 -9.17
HA A1IN1 C . 5.53 2.48 -9.63
HCH A1IN1 C . 3.49 -1.08 -7.86
HBD A1IN1 C . 2.18 0.08 -7.45
HBC A1IN1 C . 2.28 -2.21 -9.30
HBB A1IN1 C . 0.16 -0.23 -8.36
HCG A1IN1 C . -0.83 -2.65 -8.61
HBA A1IN1 C . -1.37 -1.33 -9.57
HCF A1IN1 C . 1.50 -3.40 -10.60
HAY A1IN1 C . 0.47 -4.16 -9.40
HCE A1IN1 C . -0.41 -5.57 -10.96
HAX A1IN1 C . 0.27 -4.59 -12.34
HAW A1IN1 C . 1.63 -6.49 -11.62
HCD A1IN1 C . 2.19 -5.39 -10.33
HCC A1IN1 C . 5.51 -4.90 -8.78
HAT A1IN1 C . 5.24 -3.15 -8.87
HCB A1IN1 C . 6.41 -3.94 -9.97
HAQ A1IN1 C . 5.66 -1.91 -10.78
HBK A1IN1 C . 3.46 -1.10 -14.40
HCJ A1IN1 C . 1.01 -3.20 -16.06
HBJ A1IN1 C . 2.64 -2.50 -16.04
HCI A1IN1 C . 1.33 -1.71 -15.14
CAK A1IN1 D . 3.88 -5.03 10.66
CAL A1IN1 D . 4.79 -5.98 10.06
CAM A1IN1 D . 4.41 -7.41 10.27
CAN A1IN1 D . 2.96 -7.64 9.62
CAO A1IN1 D . 1.98 -6.71 10.27
CAJ A1IN1 D . 2.47 -5.27 10.03
CAI A1IN1 D . 1.45 -4.22 10.60
CAB A1IN1 D . 0.21 -4.33 9.86
OAA A1IN1 D . 0.22 -4.69 8.65
N A1IN1 D . -0.99 -4.04 10.48
CAH A1IN1 D . -1.03 -3.44 11.91
CAG A1IN1 D . -2.22 -3.92 12.77
CAF A1IN1 D . -3.36 -3.62 11.97
CB A1IN1 D . -3.41 -4.52 10.74
CA A1IN1 D . -2.30 -4.11 9.72
C A1IN1 D . -2.57 -2.82 9.14
O A1IN1 D . -3.62 -2.59 8.57
OBE A1IN1 D . -1.75 -1.79 9.47
CBD A1IN1 D . -1.39 -0.72 8.58
CBC A1IN1 D . -1.51 0.54 9.09
CBB A1IN1 D . -1.20 0.79 10.45
CBA A1IN1 D . -1.15 2.12 11.00
OAZ A1IN1 D . 0.16 2.27 11.70
CAY A1IN1 D . 1.18 3.11 11.03
CAX A1IN1 D . 2.58 2.73 11.61
CAW A1IN1 D . 3.41 2.32 10.45
OAV A1IN1 D . 3.79 0.95 10.75
CAU A1IN1 D . 3.16 -0.29 10.58
CAR A1IN1 D . 2.72 -0.89 9.36
OAS A1IN1 D . 2.89 -0.22 8.18
CAT A1IN1 D . 1.77 0.17 7.41
CAQ A1IN1 D . 2.20 -2.17 9.37
CAP A1IN1 D . 2.02 -2.87 10.58
CBK A1IN1 D . 2.44 -2.28 11.77
CBH A1IN1 D . 3.00 -1.00 11.75
OBI A1IN1 D . 3.49 -0.29 12.83
CBJ A1IN1 D . 3.58 -0.96 14.10
HAK A1IN1 D . 4.10 -4.06 10.30
HB6 A1IN1 D . 3.56 -5.03 11.73
HAL A1IN1 D . 5.78 -5.81 10.48
HB7 A1IN1 D . 4.83 -5.78 8.99
HAM A1IN1 D . 4.38 -7.63 11.34
HB8 A1IN1 D . 5.15 -8.06 9.79
HAN A1IN1 D . 2.65 -8.67 9.77
HB9 A1IN1 D . 3.00 -7.42 8.55
HCA A1IN1 D . 1.06 -6.71 9.82
HAO A1IN1 D . 1.95 -6.73 11.33
HAJ A1IN1 D . 2.57 -5.12 8.95
HAI A1IN1 D . 1.28 -4.52 11.62
HAH A1IN1 D . -1.08 -2.36 11.85
HB5 A1IN1 D . -0.14 -3.71 12.47
HAG A1IN1 D . -2.47 -3.35 13.64
HB4 A1IN1 D . -2.32 -4.97 12.88
HAF A1IN1 D . -3.34 -2.68 11.53
HB3 A1IN1 D . -4.26 -3.86 12.43
HB2 A1IN1 D . -3.17 -5.51 10.89
HB1 A1IN1 D . -4.31 -4.36 10.26
HA A1IN1 D . -2.25 -4.87 8.94
HCH A1IN1 D . -0.37 -0.77 8.57
HBD A1IN1 D . -1.69 -0.78 7.55
HBC A1IN1 D . -1.71 1.38 8.43
HBB A1IN1 D . -0.92 -0.05 11.08
HCG A1IN1 D . -1.13 2.88 10.27
HBA A1IN1 D . -1.85 2.29 11.79
HCF A1IN1 D . 1.29 2.96 10.00
HAY A1IN1 D . 1.18 4.12 11.27
HCE A1IN1 D . 3.16 3.53 11.97
HAX A1IN1 D . 2.59 1.88 12.21
HAW A1IN1 D . 4.41 2.68 10.40
HCD A1IN1 D . 2.94 2.05 9.53
HCC A1IN1 D . 2.10 0.76 6.56
HAT A1IN1 D . 1.10 0.77 8.02
HCB A1IN1 D . 1.25 -0.72 7.05
HAQ A1IN1 D . 1.86 -2.61 8.43
HBK A1IN1 D . 2.33 -2.81 12.70
HCJ A1IN1 D . 4.03 -0.28 14.83
HBJ A1IN1 D . 4.18 -1.85 14.01
HCI A1IN1 D . 2.58 -1.23 14.44
#